data_6Q4J
#
_entry.id   6Q4J
#
_cell.length_a   53.123
_cell.length_b   72.348
_cell.length_c   71.886
_cell.angle_alpha   90.00
_cell.angle_beta   90.00
_cell.angle_gamma   90.00
#
_symmetry.space_group_name_H-M   'P 21 21 21'
#
loop_
_entity.id
_entity.type
_entity.pdbx_description
1 polymer 'Cyclin-dependent kinase 2'
2 non-polymer 'DIMETHYL SULFOXIDE'
3 non-polymer '2-[3-(pyrimidin-4-ylamino)phenyl]ethanoic acid'
4 water water
#
_entity_poly.entity_id   1
_entity_poly.type   'polypeptide(L)'
_entity_poly.pdbx_seq_one_letter_code
;GPLGSPEFMENFQKVEKIGEGTYGVVYKARNKLTGEVVALKKIRLDTETEGVPSTAIREISLLKELNHPNIVKLLDVIHT
ENKLYLVFEFLHQDLKKFMDASALTGIPLPLIKSYLFQLLQGLAFCHSHRVLHRDLKPQNLLINTEGAIKLADFGLARAF
GVPVRTYTHEVVTLWYRAPEILLGCKYYSTAVDIWSLGCIFAEMVTRRALFPGDSEIDQLFRIFRTLGTPDEVVWPGVTS
MPDYKPSFPKWARQDFSKVVPPLDEDGRSLLSQMLHYDPNKRISAKAALAHPFFQDVTKPVPHLRL
;
_entity_poly.pdbx_strand_id   A
#
loop_
_chem_comp.id
_chem_comp.type
_chem_comp.name
_chem_comp.formula
DMS non-polymer 'DIMETHYL SULFOXIDE' 'C2 H6 O S'
HHB non-polymer '2-[3-(pyrimidin-4-ylamino)phenyl]ethanoic acid' 'C12 H11 N3 O2'
#
# COMPACT_ATOMS: atom_id res chain seq x y z
N PHE A 8 -2.87 26.00 -17.42
CA PHE A 8 -3.80 25.67 -18.52
C PHE A 8 -3.56 24.24 -19.00
N MET A 9 -4.63 23.57 -19.43
CA MET A 9 -4.61 22.25 -20.11
C MET A 9 -5.67 22.21 -21.21
N GLU A 10 -5.28 21.62 -22.33
CA GLU A 10 -6.18 21.60 -23.50
C GLU A 10 -7.48 20.90 -23.15
N ASN A 11 -7.40 19.81 -22.39
CA ASN A 11 -8.55 18.89 -22.27
C ASN A 11 -9.20 18.92 -20.88
N PHE A 12 -8.71 19.75 -20.00
CA PHE A 12 -9.22 19.86 -18.62
C PHE A 12 -9.38 21.34 -18.26
N GLN A 13 -10.28 21.63 -17.35
CA GLN A 13 -10.29 22.97 -16.70
C GLN A 13 -10.35 22.80 -15.19
N LYS A 14 -10.19 23.91 -14.49
CA LYS A 14 -10.24 23.98 -13.00
C LYS A 14 -9.27 22.91 -12.45
N VAL A 15 -8.03 22.92 -12.99
CA VAL A 15 -6.93 22.00 -12.62
C VAL A 15 -6.30 22.54 -11.34
N GLU A 16 -6.19 21.70 -10.31
CA GLU A 16 -5.71 22.06 -8.95
C GLU A 16 -4.72 21.00 -8.42
N LYS A 17 -3.55 21.39 -7.92
CA LYS A 17 -2.60 20.43 -7.29
C LYS A 17 -3.22 19.86 -6.00
N ILE A 18 -3.17 18.54 -5.80
CA ILE A 18 -3.63 17.89 -4.54
C ILE A 18 -2.53 17.13 -3.80
N GLY A 19 -1.40 16.80 -4.44
CA GLY A 19 -0.29 16.11 -3.75
C GLY A 19 0.91 15.90 -4.65
N GLU A 20 2.03 15.61 -4.02
CA GLU A 20 3.25 15.07 -4.67
C GLU A 20 3.18 13.56 -4.48
N GLY A 21 3.29 12.81 -5.58
CA GLY A 21 3.19 11.35 -5.64
C GLY A 21 4.51 10.70 -6.00
N THR A 22 4.56 9.36 -5.95
CA THR A 22 5.74 8.52 -6.29
C THR A 22 6.25 9.00 -7.67
N TYR A 23 5.36 9.43 -8.59
CA TYR A 23 5.69 9.58 -10.03
C TYR A 23 5.61 11.01 -10.56
N GLY A 24 5.10 11.94 -9.80
CA GLY A 24 4.95 13.34 -10.19
C GLY A 24 3.79 13.97 -9.45
N VAL A 25 3.46 15.17 -9.86
CA VAL A 25 2.36 15.94 -9.25
C VAL A 25 1.03 15.21 -9.50
N VAL A 26 0.16 15.20 -8.47
CA VAL A 26 -1.23 14.71 -8.64
C VAL A 26 -2.18 15.91 -8.52
N TYR A 27 -3.09 16.02 -9.48
CA TYR A 27 -4.03 17.14 -9.59
C TYR A 27 -5.47 16.64 -9.48
N LYS A 28 -6.33 17.48 -8.93
CA LYS A 28 -7.77 17.38 -9.15
C LYS A 28 -8.09 18.17 -10.41
N ALA A 29 -8.83 17.59 -11.34
CA ALA A 29 -9.09 18.28 -12.61
C ALA A 29 -10.51 18.00 -13.08
N ARG A 30 -11.02 18.89 -13.89
CA ARG A 30 -12.37 18.72 -14.49
C ARG A 30 -12.20 18.50 -15.98
N ASN A 31 -12.71 17.40 -16.48
CA ASN A 31 -12.69 17.12 -17.93
C ASN A 31 -13.47 18.22 -18.65
N LYS A 32 -12.88 18.83 -19.66
CA LYS A 32 -13.49 19.97 -20.39
C LYS A 32 -14.77 19.50 -21.13
N LEU A 33 -14.75 18.35 -21.77
CA LEU A 33 -15.89 17.84 -22.57
C LEU A 33 -17.04 17.41 -21.67
N THR A 34 -16.77 16.75 -20.54
CA THR A 34 -17.82 16.03 -19.77
C THR A 34 -18.14 16.70 -18.44
N GLY A 35 -17.26 17.53 -17.91
CA GLY A 35 -17.42 18.17 -16.59
C GLY A 35 -17.07 17.25 -15.43
N GLU A 36 -16.64 16.02 -15.70
CA GLU A 36 -16.38 15.15 -14.54
CA GLU A 36 -16.22 14.96 -14.73
C GLU A 36 -15.03 15.49 -13.92
N VAL A 37 -15.05 15.30 -12.62
CA VAL A 37 -13.87 15.55 -11.77
C VAL A 37 -13.07 14.27 -11.65
N VAL A 38 -11.77 14.34 -11.90
CA VAL A 38 -10.85 13.18 -11.94
C VAL A 38 -9.57 13.55 -11.17
N ALA A 39 -8.81 12.53 -10.81
CA ALA A 39 -7.44 12.70 -10.34
C ALA A 39 -6.53 12.51 -11.54
N LEU A 40 -5.59 13.42 -11.71
CA LEU A 40 -4.77 13.44 -12.93
C LEU A 40 -3.31 13.42 -12.46
N LYS A 41 -2.55 12.35 -12.73
CA LYS A 41 -1.13 12.13 -12.27
CA LYS A 41 -1.19 12.13 -12.19
C LYS A 41 0.06 12.29 -13.29
N LYS A 42 0.49 13.55 -13.37
CA LYS A 42 1.47 13.89 -14.41
C LYS A 42 2.73 13.12 -14.11
N ILE A 43 3.18 12.26 -15.01
CA ILE A 43 4.36 11.41 -14.79
C ILE A 43 5.62 12.24 -15.08
N ARG A 44 6.50 12.37 -14.10
CA ARG A 44 7.74 13.16 -14.26
C ARG A 44 8.72 12.34 -15.13
N LEU A 45 9.07 12.86 -16.31
CA LEU A 45 9.97 12.19 -17.30
C LEU A 45 11.25 13.02 -17.47
N SER A 54 7.54 2.26 -26.47
CA SER A 54 6.95 2.51 -25.13
C SER A 54 6.52 1.18 -24.50
N THR A 55 7.20 0.76 -23.43
CA THR A 55 6.86 -0.51 -22.74
C THR A 55 5.89 -0.22 -21.58
N ALA A 56 6.02 0.95 -20.95
CA ALA A 56 5.16 1.34 -19.84
C ALA A 56 3.77 1.73 -20.36
N ILE A 57 3.67 2.43 -21.50
CA ILE A 57 2.33 2.86 -21.97
C ILE A 57 1.45 1.65 -22.23
N ARG A 58 1.92 0.62 -22.95
CA ARG A 58 1.06 -0.54 -23.22
C ARG A 58 0.73 -1.27 -21.92
N GLU A 59 1.72 -1.43 -21.06
CA GLU A 59 1.51 -2.21 -19.82
CA GLU A 59 1.58 -2.17 -19.79
C GLU A 59 0.56 -1.47 -18.89
N ILE A 60 0.72 -0.15 -18.75
CA ILE A 60 -0.21 0.60 -17.88
C ILE A 60 -1.58 0.65 -18.54
N SER A 61 -1.61 0.74 -19.87
CA SER A 61 -2.91 0.81 -20.56
C SER A 61 -3.70 -0.47 -20.29
N LEU A 62 -3.05 -1.63 -20.09
CA LEU A 62 -3.76 -2.89 -19.75
C LEU A 62 -4.52 -2.72 -18.44
N LEU A 63 -4.00 -1.87 -17.55
CA LEU A 63 -4.62 -1.68 -16.22
C LEU A 63 -5.96 -0.96 -16.35
N LYS A 64 -6.22 -0.29 -17.48
CA LYS A 64 -7.52 0.35 -17.72
CA LYS A 64 -7.53 0.35 -17.71
C LYS A 64 -8.63 -0.70 -17.70
N GLU A 65 -8.31 -1.95 -18.00
CA GLU A 65 -9.36 -3.00 -18.17
C GLU A 65 -9.85 -3.44 -16.81
N LEU A 66 -9.02 -3.28 -15.78
CA LEU A 66 -9.35 -3.83 -14.46
C LEU A 66 -10.43 -3.03 -13.77
N ASN A 67 -11.35 -3.71 -13.13
CA ASN A 67 -12.45 -3.05 -12.42
C ASN A 67 -12.75 -3.90 -11.23
N HIS A 68 -12.72 -3.27 -10.09
CA HIS A 68 -13.17 -3.92 -8.85
C HIS A 68 -13.62 -2.80 -7.92
N PRO A 69 -14.62 -3.07 -7.05
CA PRO A 69 -15.10 -2.06 -6.13
C PRO A 69 -14.05 -1.48 -5.17
N ASN A 70 -12.97 -2.22 -4.95
CA ASN A 70 -11.94 -1.79 -3.99
C ASN A 70 -10.64 -1.42 -4.66
N ILE A 71 -10.72 -1.05 -5.95
CA ILE A 71 -9.54 -0.59 -6.74
C ILE A 71 -9.92 0.72 -7.45
N VAL A 72 -9.12 1.79 -7.26
CA VAL A 72 -9.40 3.09 -7.89
C VAL A 72 -9.27 2.92 -9.39
N LYS A 73 -10.35 3.15 -10.10
CA LYS A 73 -10.37 2.93 -11.55
C LYS A 73 -9.34 3.81 -12.26
N LEU A 74 -8.54 3.21 -13.12
CA LEU A 74 -7.69 3.93 -14.08
C LEU A 74 -8.56 4.18 -15.31
N LEU A 75 -8.98 5.42 -15.47
CA LEU A 75 -9.91 5.81 -16.55
C LEU A 75 -9.19 5.94 -17.87
N ASP A 76 -7.98 6.47 -17.87
CA ASP A 76 -7.29 6.72 -19.14
C ASP A 76 -5.80 6.90 -18.91
N VAL A 77 -5.10 6.69 -20.00
CA VAL A 77 -3.66 6.94 -20.12
C VAL A 77 -3.55 7.93 -21.29
N ILE A 78 -3.05 9.12 -21.02
CA ILE A 78 -2.98 10.21 -22.01
C ILE A 78 -1.51 10.45 -22.29
N HIS A 79 -1.14 10.31 -23.54
CA HIS A 79 0.23 10.56 -23.99
C HIS A 79 0.14 11.61 -25.10
N THR A 80 0.38 12.87 -24.75
CA THR A 80 0.30 13.96 -25.73
C THR A 80 1.42 14.94 -25.44
N GLU A 81 1.88 15.61 -26.47
CA GLU A 81 2.96 16.62 -26.35
C GLU A 81 4.19 15.99 -25.67
N ASN A 82 4.42 14.70 -25.86
CA ASN A 82 5.56 13.98 -25.24
C ASN A 82 5.50 14.07 -23.71
N LYS A 83 4.29 14.19 -23.18
N LYS A 83 4.28 14.14 -23.17
CA LYS A 83 3.99 14.13 -21.72
CA LYS A 83 4.03 14.08 -21.72
C LYS A 83 3.11 12.91 -21.49
C LYS A 83 3.01 12.98 -21.45
N LEU A 84 3.11 12.41 -20.26
CA LEU A 84 2.30 11.24 -19.90
C LEU A 84 1.49 11.57 -18.65
N TYR A 85 0.21 11.28 -18.75
CA TYR A 85 -0.73 11.53 -17.66
C TYR A 85 -1.55 10.28 -17.46
N LEU A 86 -1.83 10.00 -16.20
CA LEU A 86 -2.77 8.92 -15.83
C LEU A 86 -4.01 9.56 -15.23
N VAL A 87 -5.18 9.14 -15.68
CA VAL A 87 -6.46 9.69 -15.22
C VAL A 87 -7.15 8.64 -14.38
N PHE A 88 -7.47 8.99 -13.15
CA PHE A 88 -8.15 8.08 -12.22
C PHE A 88 -9.48 8.67 -11.79
N GLU A 89 -10.40 7.80 -11.41
CA GLU A 89 -11.60 8.30 -10.72
C GLU A 89 -11.16 9.02 -9.44
N PHE A 90 -11.88 10.07 -9.11
CA PHE A 90 -11.55 10.94 -7.97
C PHE A 90 -12.28 10.49 -6.72
N LEU A 91 -11.55 10.39 -5.62
CA LEU A 91 -12.10 10.21 -4.27
C LEU A 91 -11.60 11.36 -3.42
N HIS A 92 -12.39 11.69 -2.42
CA HIS A 92 -12.23 12.97 -1.70
C HIS A 92 -11.29 12.90 -0.52
N GLN A 93 -10.88 11.73 -0.04
CA GLN A 93 -9.98 11.69 1.13
C GLN A 93 -9.18 10.41 1.04
N ASP A 94 -7.95 10.49 1.53
CA ASP A 94 -7.10 9.30 1.66
C ASP A 94 -7.07 8.83 3.12
N LEU A 95 -6.57 7.62 3.32
CA LEU A 95 -6.58 7.04 4.68
C LEU A 95 -5.61 7.78 5.58
N LYS A 96 -4.52 8.32 5.03
CA LYS A 96 -3.57 9.10 5.87
C LYS A 96 -4.32 10.26 6.53
N LYS A 97 -5.06 11.03 5.75
CA LYS A 97 -5.80 12.19 6.29
C LYS A 97 -6.90 11.72 7.22
N PHE A 98 -7.58 10.62 6.89
CA PHE A 98 -8.67 10.12 7.76
C PHE A 98 -8.09 9.65 9.10
N MET A 99 -6.95 8.96 9.09
CA MET A 99 -6.32 8.55 10.36
C MET A 99 -5.92 9.78 11.18
N ASP A 100 -5.39 10.81 10.53
CA ASP A 100 -5.01 12.04 11.26
C ASP A 100 -6.28 12.68 11.85
N ALA A 101 -7.35 12.77 11.08
CA ALA A 101 -8.60 13.38 11.54
C ALA A 101 -9.18 12.57 12.70
N SER A 102 -8.89 11.27 12.75
CA SER A 102 -9.48 10.29 13.71
C SER A 102 -8.55 10.06 14.92
N ALA A 103 -7.51 10.87 15.07
CA ALA A 103 -6.40 10.58 16.02
C ALA A 103 -6.92 10.65 17.47
N LEU A 104 -7.89 11.54 17.75
CA LEU A 104 -8.29 11.80 19.15
C LEU A 104 -9.12 10.62 19.67
N THR A 105 -9.94 10.05 18.81
CA THR A 105 -10.97 9.03 19.13
C THR A 105 -10.46 7.65 18.71
N GLY A 106 -9.63 7.60 17.65
CA GLY A 106 -9.37 6.36 16.92
C GLY A 106 -10.47 6.09 15.90
N ILE A 107 -10.13 5.36 14.85
CA ILE A 107 -11.13 4.80 13.94
C ILE A 107 -11.84 3.68 14.68
N PRO A 108 -13.18 3.63 14.73
CA PRO A 108 -13.85 2.53 15.43
C PRO A 108 -13.46 1.16 14.87
N LEU A 109 -13.37 0.17 15.73
CA LEU A 109 -12.93 -1.18 15.32
C LEU A 109 -13.78 -1.70 14.18
N PRO A 110 -15.13 -1.59 14.20
CA PRO A 110 -15.88 -2.14 13.08
C PRO A 110 -15.49 -1.54 11.73
N LEU A 111 -15.13 -0.27 11.73
CA LEU A 111 -14.71 0.41 10.50
C LEU A 111 -13.28 -0.03 10.13
N ILE A 112 -12.38 -0.19 11.09
CA ILE A 112 -11.05 -0.76 10.78
C ILE A 112 -11.25 -2.12 10.10
N LYS A 113 -12.12 -2.95 10.67
CA LYS A 113 -12.32 -4.32 10.16
C LYS A 113 -12.90 -4.26 8.75
N SER A 114 -13.87 -3.39 8.53
CA SER A 114 -14.46 -3.20 7.20
C SER A 114 -13.39 -2.78 6.20
N TYR A 115 -12.59 -1.79 6.56
CA TYR A 115 -11.55 -1.31 5.64
C TYR A 115 -10.54 -2.41 5.35
N LEU A 116 -10.10 -3.13 6.35
CA LEU A 116 -9.11 -4.19 6.11
C LEU A 116 -9.72 -5.26 5.20
N PHE A 117 -10.96 -5.65 5.45
CA PHE A 117 -11.64 -6.65 4.64
C PHE A 117 -11.72 -6.22 3.18
N GLN A 118 -12.13 -4.98 2.98
CA GLN A 118 -12.24 -4.43 1.62
C GLN A 118 -10.87 -4.34 0.94
N LEU A 119 -9.84 -3.90 1.65
CA LEU A 119 -8.50 -3.82 1.07
C LEU A 119 -8.01 -5.22 0.68
N LEU A 120 -8.27 -6.22 1.53
CA LEU A 120 -7.92 -7.59 1.15
C LEU A 120 -8.67 -8.05 -0.09
N GLN A 121 -9.92 -7.64 -0.27
N GLN A 121 -9.93 -7.65 -0.25
CA GLN A 121 -10.63 -8.04 -1.48
CA GLN A 121 -10.69 -8.01 -1.47
C GLN A 121 -9.97 -7.38 -2.69
C GLN A 121 -9.99 -7.38 -2.67
N GLY A 122 -9.58 -6.12 -2.56
CA GLY A 122 -8.89 -5.45 -3.67
C GLY A 122 -7.56 -6.12 -4.00
N LEU A 123 -6.79 -6.46 -2.98
N LEU A 123 -6.80 -6.49 -2.97
CA LEU A 123 -5.50 -7.14 -3.21
CA LEU A 123 -5.52 -7.20 -3.20
C LEU A 123 -5.77 -8.52 -3.81
C LEU A 123 -5.78 -8.54 -3.85
N ALA A 124 -6.74 -9.26 -3.32
CA ALA A 124 -6.99 -10.62 -3.84
C ALA A 124 -7.32 -10.51 -5.32
N PHE A 125 -8.13 -9.52 -5.70
CA PHE A 125 -8.48 -9.28 -7.11
C PHE A 125 -7.22 -9.01 -7.93
N CYS A 126 -6.43 -8.04 -7.52
CA CYS A 126 -5.25 -7.68 -8.30
C CYS A 126 -4.29 -8.87 -8.41
N HIS A 127 -4.06 -9.54 -7.29
CA HIS A 127 -3.09 -10.66 -7.28
C HIS A 127 -3.60 -11.78 -8.19
N SER A 128 -4.91 -12.02 -8.23
CA SER A 128 -5.45 -13.10 -9.10
C SER A 128 -5.28 -12.73 -10.57
N HIS A 129 -5.17 -11.44 -10.87
CA HIS A 129 -4.93 -10.92 -12.24
C HIS A 129 -3.44 -10.68 -12.47
N ARG A 130 -2.57 -11.19 -11.59
CA ARG A 130 -1.10 -11.11 -11.75
C ARG A 130 -0.65 -9.66 -11.77
N VAL A 131 -1.26 -8.85 -10.92
CA VAL A 131 -0.85 -7.45 -10.74
C VAL A 131 -0.51 -7.24 -9.26
N LEU A 132 0.69 -6.76 -9.01
CA LEU A 132 1.10 -6.33 -7.66
C LEU A 132 1.01 -4.83 -7.51
N HIS A 133 1.02 -4.37 -6.26
CA HIS A 133 1.15 -2.93 -6.00
C HIS A 133 2.63 -2.60 -5.83
N ARG A 134 3.22 -3.15 -4.77
CA ARG A 134 4.62 -2.99 -4.35
C ARG A 134 4.85 -1.74 -3.51
N ASP A 135 3.93 -0.77 -3.49
CA ASP A 135 4.15 0.46 -2.72
C ASP A 135 2.86 0.92 -2.05
N LEU A 136 2.18 0.01 -1.37
N LEU A 136 2.14 0.00 -1.41
CA LEU A 136 0.97 0.41 -0.66
CA LEU A 136 0.89 0.33 -0.71
C LEU A 136 1.34 1.29 0.51
C LEU A 136 1.22 1.19 0.52
N LYS A 137 0.48 2.26 0.74
CA LYS A 137 0.67 3.17 1.85
C LYS A 137 -0.61 3.92 2.06
N PRO A 138 -0.84 4.52 3.24
CA PRO A 138 -2.11 5.22 3.48
C PRO A 138 -2.44 6.29 2.43
N GLN A 139 -1.45 6.92 1.85
CA GLN A 139 -1.64 7.98 0.82
CA GLN A 139 -1.70 8.00 0.86
C GLN A 139 -2.28 7.42 -0.44
N ASN A 140 -2.15 6.12 -0.74
CA ASN A 140 -2.80 5.58 -1.94
C ASN A 140 -3.99 4.68 -1.61
N LEU A 141 -4.54 4.83 -0.41
CA LEU A 141 -5.80 4.20 -0.03
C LEU A 141 -6.84 5.30 0.09
N LEU A 142 -7.87 5.24 -0.73
CA LEU A 142 -8.84 6.34 -0.88
C LEU A 142 -10.18 5.88 -0.32
N ILE A 143 -10.87 6.79 0.35
CA ILE A 143 -12.17 6.46 0.98
C ILE A 143 -13.25 7.39 0.45
N ASN A 144 -14.48 6.90 0.53
CA ASN A 144 -15.65 7.71 0.18
C ASN A 144 -16.65 7.75 1.33
N THR A 145 -17.71 8.49 1.10
CA THR A 145 -18.73 8.75 2.13
C THR A 145 -19.58 7.52 2.44
N GLU A 146 -19.64 6.53 1.55
CA GLU A 146 -20.52 5.35 1.66
C GLU A 146 -19.83 4.22 2.47
N GLY A 147 -18.58 4.35 2.93
CA GLY A 147 -17.91 3.30 3.69
C GLY A 147 -16.99 2.45 2.84
N ALA A 148 -16.81 2.79 1.56
CA ALA A 148 -15.85 2.06 0.72
C ALA A 148 -14.44 2.57 0.94
N ILE A 149 -13.49 1.70 0.70
CA ILE A 149 -12.06 2.06 0.57
C ILE A 149 -11.54 1.38 -0.68
N LYS A 150 -10.62 2.06 -1.35
CA LYS A 150 -10.10 1.60 -2.64
C LYS A 150 -8.61 1.82 -2.68
N LEU A 151 -7.92 0.90 -3.36
N LEU A 151 -7.87 0.87 -3.26
CA LEU A 151 -6.46 0.95 -3.56
CA LEU A 151 -6.42 1.10 -3.41
C LEU A 151 -6.18 1.65 -4.87
C LEU A 151 -6.15 1.63 -4.80
N ALA A 152 -5.29 2.64 -4.84
CA ALA A 152 -4.83 3.30 -6.08
C ALA A 152 -3.41 2.85 -6.40
N ASP A 153 -3.12 2.87 -7.70
CA ASP A 153 -1.75 2.78 -8.26
C ASP A 153 -1.23 1.35 -8.32
N PHE A 154 -2.10 0.37 -8.26
CA PHE A 154 -1.69 -1.02 -8.57
CA PHE A 154 -1.75 -1.03 -8.58
C PHE A 154 -1.07 -1.06 -9.96
N GLY A 155 -0.03 -1.89 -10.08
CA GLY A 155 0.59 -2.19 -11.37
C GLY A 155 1.58 -1.15 -11.85
N LEU A 156 1.63 0.04 -11.25
CA LEU A 156 2.47 1.12 -11.78
C LEU A 156 3.94 0.85 -11.51
N ALA A 157 4.29 0.33 -10.33
CA ALA A 157 5.70 0.14 -9.98
C ALA A 157 6.35 -0.80 -10.99
N ARG A 158 5.71 -1.91 -11.34
CA ARG A 158 6.31 -2.86 -12.31
C ARG A 158 6.49 -2.17 -13.66
N ALA A 159 5.48 -1.43 -14.11
CA ALA A 159 5.54 -0.81 -15.44
C ALA A 159 6.61 0.26 -15.50
N PHE A 160 6.80 0.98 -14.39
CA PHE A 160 7.82 2.07 -14.31
C PHE A 160 9.21 1.44 -14.12
N GLY A 161 9.26 0.21 -13.60
CA GLY A 161 10.53 -0.48 -13.37
C GLY A 161 11.21 -0.03 -12.08
N VAL A 162 10.52 -0.19 -10.96
CA VAL A 162 11.02 0.21 -9.61
C VAL A 162 11.64 1.62 -9.69
N ARG A 165 13.93 4.10 -12.49
CA ARG A 165 12.82 4.03 -11.50
C ARG A 165 12.61 5.36 -10.78
N THR A 166 13.52 6.32 -10.96
CA THR A 166 13.45 7.63 -10.29
C THR A 166 12.43 8.49 -11.04
N TYR A 167 11.36 8.88 -10.34
CA TYR A 167 10.32 9.79 -10.87
C TYR A 167 9.96 10.89 -9.88
N THR A 168 10.61 10.94 -8.73
CA THR A 168 10.50 12.13 -7.85
C THR A 168 11.83 12.37 -7.14
N HIS A 169 12.10 13.63 -6.80
CA HIS A 169 13.22 14.04 -5.92
C HIS A 169 12.72 14.09 -4.48
N GLU A 170 11.41 13.90 -4.26
CA GLU A 170 10.75 14.01 -2.92
C GLU A 170 11.08 12.78 -2.05
N VAL A 171 10.93 12.94 -0.73
CA VAL A 171 11.35 11.93 0.29
C VAL A 171 10.36 10.78 0.28
N VAL A 172 10.88 9.57 0.07
CA VAL A 172 10.08 8.32 -0.08
C VAL A 172 9.75 7.77 1.31
N THR A 173 8.51 7.39 1.55
N THR A 173 8.52 7.30 1.50
CA THR A 173 8.18 6.68 2.80
CA THR A 173 8.06 6.65 2.76
C THR A 173 8.62 5.23 2.67
C THR A 173 8.49 5.17 2.73
N LEU A 174 9.35 4.77 3.67
CA LEU A 174 9.83 3.37 3.77
C LEU A 174 9.00 2.55 4.74
N TRP A 175 8.04 3.18 5.43
CA TRP A 175 7.44 2.59 6.63
C TRP A 175 6.70 1.29 6.33
N TYR A 176 6.26 1.10 5.09
CA TYR A 176 5.39 -0.02 4.71
C TYR A 176 6.16 -1.04 3.87
N ARG A 177 7.46 -0.89 3.73
CA ARG A 177 8.26 -1.75 2.85
C ARG A 177 8.53 -3.09 3.52
N ALA A 178 8.32 -4.16 2.77
CA ALA A 178 8.57 -5.52 3.25
C ALA A 178 10.06 -5.74 3.45
N PRO A 179 10.42 -6.61 4.41
CA PRO A 179 11.83 -6.80 4.75
C PRO A 179 12.65 -7.37 3.60
N GLU A 180 11.99 -8.21 2.78
CA GLU A 180 12.60 -8.78 1.57
C GLU A 180 13.02 -7.59 0.71
N ILE A 181 12.20 -6.53 0.64
CA ILE A 181 12.56 -5.36 -0.23
CA ILE A 181 12.50 -5.36 -0.14
C ILE A 181 13.78 -4.62 0.34
N LEU A 182 13.80 -4.41 1.65
CA LEU A 182 14.84 -3.67 2.42
C LEU A 182 16.16 -4.45 2.43
N LEU A 183 16.09 -5.77 2.33
CA LEU A 183 17.30 -6.61 2.28
C LEU A 183 17.83 -6.78 0.85
N GLY A 184 17.30 -6.01 -0.09
CA GLY A 184 17.86 -5.89 -1.44
C GLY A 184 17.41 -6.96 -2.39
N CYS A 185 16.36 -7.71 -2.07
N CYS A 185 16.44 -7.80 -2.04
CA CYS A 185 15.80 -8.71 -3.01
CA CYS A 185 15.90 -8.70 -3.07
C CYS A 185 15.14 -7.98 -4.19
C CYS A 185 15.33 -7.86 -4.19
N LYS A 186 15.64 -8.26 -5.39
CA LYS A 186 15.30 -7.66 -6.69
CA LYS A 186 15.13 -7.51 -6.58
C LYS A 186 14.08 -8.38 -7.26
N TYR A 187 13.44 -9.34 -6.49
N TYR A 187 13.44 -9.21 -6.52
CA TYR A 187 12.32 -10.29 -6.88
CA TYR A 187 12.25 -9.77 -7.14
C TYR A 187 11.06 -10.11 -6.02
C TYR A 187 11.23 -9.53 -6.08
N TYR A 188 10.03 -9.46 -6.57
CA TYR A 188 8.83 -9.15 -5.80
C TYR A 188 7.86 -10.31 -5.88
N SER A 189 6.99 -10.37 -4.90
CA SER A 189 5.88 -11.33 -4.88
C SER A 189 4.67 -10.66 -4.25
N THR A 190 3.54 -11.33 -4.34
CA THR A 190 2.29 -10.89 -3.71
C THR A 190 2.48 -10.55 -2.24
N ALA A 191 3.39 -11.24 -1.57
CA ALA A 191 3.61 -11.08 -0.14
C ALA A 191 4.05 -9.67 0.22
N VAL A 192 4.66 -8.92 -0.70
CA VAL A 192 5.08 -7.55 -0.33
C VAL A 192 3.86 -6.70 0.01
N ASP A 193 2.76 -6.95 -0.66
CA ASP A 193 1.53 -6.15 -0.46
C ASP A 193 0.83 -6.54 0.82
N ILE A 194 0.87 -7.81 1.18
CA ILE A 194 0.31 -8.27 2.46
C ILE A 194 1.09 -7.67 3.63
N TRP A 195 2.41 -7.60 3.51
CA TRP A 195 3.21 -6.93 4.57
C TRP A 195 2.76 -5.49 4.73
N SER A 196 2.70 -4.75 3.62
CA SER A 196 2.34 -3.33 3.71
C SER A 196 0.95 -3.18 4.36
N LEU A 197 0.01 -3.99 3.94
CA LEU A 197 -1.33 -3.88 4.52
CA LEU A 197 -1.36 -3.94 4.51
C LEU A 197 -1.34 -4.27 6.00
N GLY A 198 -0.51 -5.22 6.41
CA GLY A 198 -0.40 -5.52 7.84
C GLY A 198 0.08 -4.30 8.62
N CYS A 199 1.07 -3.60 8.08
CA CYS A 199 1.57 -2.38 8.73
C CYS A 199 0.46 -1.33 8.83
N ILE A 200 -0.35 -1.20 7.80
CA ILE A 200 -1.46 -0.22 7.79
C ILE A 200 -2.53 -0.63 8.79
N PHE A 201 -2.85 -1.91 8.86
CA PHE A 201 -3.79 -2.44 9.87
C PHE A 201 -3.34 -2.02 11.27
N ALA A 202 -2.08 -2.30 11.58
CA ALA A 202 -1.55 -1.96 12.91
C ALA A 202 -1.66 -0.48 13.20
N GLU A 203 -1.40 0.34 12.19
CA GLU A 203 -1.45 1.81 12.36
C GLU A 203 -2.89 2.27 12.59
N MET A 204 -3.86 1.69 11.90
CA MET A 204 -5.26 2.06 12.19
C MET A 204 -5.60 1.76 13.63
N VAL A 205 -5.18 0.60 14.13
CA VAL A 205 -5.53 0.17 15.49
C VAL A 205 -4.86 1.06 16.53
N THR A 206 -3.56 1.27 16.40
CA THR A 206 -2.80 1.92 17.50
C THR A 206 -2.73 3.44 17.36
N ARG A 207 -3.06 3.95 16.20
CA ARG A 207 -2.99 5.40 15.88
C ARG A 207 -1.55 5.88 15.79
N ARG A 208 -0.63 4.95 15.54
N ARG A 208 -0.59 4.97 15.63
CA ARG A 208 0.81 5.22 15.39
CA ARG A 208 0.81 5.33 15.35
C ARG A 208 1.34 4.32 14.28
C ARG A 208 1.34 4.36 14.30
N ALA A 209 2.23 4.81 13.43
CA ALA A 209 2.88 3.92 12.48
C ALA A 209 3.58 2.79 13.23
N LEU A 210 3.56 1.60 12.65
CA LEU A 210 4.17 0.42 13.30
C LEU A 210 5.70 0.54 13.24
N PHE A 211 6.24 0.85 12.07
CA PHE A 211 7.69 0.86 11.82
C PHE A 211 8.07 2.16 11.11
N PRO A 212 8.12 3.31 11.81
CA PRO A 212 8.38 4.59 11.15
C PRO A 212 9.88 4.85 10.96
N GLY A 213 10.49 4.10 10.06
CA GLY A 213 11.92 4.24 9.80
C GLY A 213 12.23 5.49 9.03
N ASP A 214 13.42 5.99 9.32
CA ASP A 214 13.94 7.24 8.74
C ASP A 214 14.90 6.96 7.60
N SER A 215 15.31 5.72 7.43
CA SER A 215 16.33 5.28 6.44
C SER A 215 16.09 3.80 6.21
N GLU A 216 16.74 3.18 5.23
CA GLU A 216 16.51 1.73 4.99
C GLU A 216 17.01 0.98 6.24
N ILE A 217 18.16 1.33 6.80
CA ILE A 217 18.69 0.52 7.93
C ILE A 217 17.85 0.78 9.19
N ASP A 218 17.40 2.01 9.41
CA ASP A 218 16.54 2.28 10.58
C ASP A 218 15.23 1.53 10.41
N GLN A 219 14.69 1.49 9.18
CA GLN A 219 13.47 0.73 8.89
C GLN A 219 13.68 -0.74 9.24
N LEU A 220 14.78 -1.30 8.76
N LEU A 220 14.76 -1.34 8.73
CA LEU A 220 15.09 -2.74 8.97
CA LEU A 220 15.01 -2.77 9.05
C LEU A 220 15.27 -3.11 10.45
C LEU A 220 15.08 -3.02 10.55
N PHE A 221 15.94 -2.19 11.18
CA PHE A 221 16.23 -2.39 12.61
C PHE A 221 14.98 -2.14 13.46
N ARG A 222 14.08 -1.25 13.04
CA ARG A 222 12.80 -1.14 13.75
C ARG A 222 12.02 -2.43 13.62
N ILE A 223 11.99 -3.01 12.42
CA ILE A 223 11.32 -4.31 12.24
C ILE A 223 11.99 -5.35 13.14
N PHE A 224 13.31 -5.42 13.10
CA PHE A 224 14.03 -6.46 13.88
C PHE A 224 13.78 -6.30 15.39
N ARG A 225 13.74 -5.06 15.87
CA ARG A 225 13.56 -4.83 17.31
C ARG A 225 12.17 -5.29 17.74
N THR A 226 11.18 -5.27 16.86
CA THR A 226 9.81 -5.70 17.22
C THR A 226 9.67 -7.21 17.02
N LEU A 227 10.05 -7.71 15.84
CA LEU A 227 9.76 -9.09 15.41
C LEU A 227 10.93 -10.02 15.65
N GLY A 228 12.04 -9.50 16.15
CA GLY A 228 13.29 -10.25 16.33
C GLY A 228 14.13 -10.21 15.09
N THR A 229 15.45 -10.31 15.20
CA THR A 229 16.28 -10.37 14.00
C THR A 229 16.01 -11.70 13.30
N PRO A 230 15.71 -11.70 12.00
CA PRO A 230 15.41 -12.95 11.32
C PRO A 230 16.66 -13.83 11.20
N ASP A 231 16.42 -15.12 11.09
CA ASP A 231 17.47 -16.12 10.94
C ASP A 231 16.98 -17.18 9.96
N GLU A 232 17.86 -18.15 9.71
CA GLU A 232 17.56 -19.23 8.75
C GLU A 232 16.44 -20.13 9.25
N VAL A 233 16.18 -20.19 10.55
CA VAL A 233 15.07 -21.00 11.07
C VAL A 233 13.73 -20.41 10.64
N VAL A 234 13.51 -19.14 10.90
CA VAL A 234 12.21 -18.52 10.56
C VAL A 234 12.14 -18.13 9.08
N TRP A 235 13.30 -17.93 8.44
CA TRP A 235 13.32 -17.39 7.08
C TRP A 235 14.43 -18.04 6.30
N PRO A 236 14.23 -19.29 5.82
CA PRO A 236 15.26 -19.97 5.08
C PRO A 236 15.66 -19.10 3.90
N GLY A 237 16.97 -18.92 3.72
CA GLY A 237 17.50 -18.09 2.63
C GLY A 237 17.83 -16.67 3.05
N VAL A 238 17.42 -16.22 4.24
CA VAL A 238 17.57 -14.78 4.58
C VAL A 238 19.04 -14.39 4.58
N THR A 239 19.93 -15.28 5.02
CA THR A 239 21.33 -14.85 5.23
C THR A 239 22.07 -14.70 3.90
N SER A 240 21.44 -15.11 2.81
N SER A 240 21.44 -15.05 2.79
CA SER A 240 22.00 -14.98 1.44
CA SER A 240 22.02 -14.84 1.45
C SER A 240 21.42 -13.78 0.70
C SER A 240 21.22 -13.82 0.64
N MET A 241 20.49 -13.04 1.32
N MET A 241 20.34 -13.05 1.27
CA MET A 241 19.85 -11.89 0.64
CA MET A 241 19.74 -11.88 0.58
C MET A 241 20.89 -10.81 0.38
C MET A 241 20.87 -10.87 0.34
N PRO A 242 20.74 -10.02 -0.70
CA PRO A 242 21.85 -9.18 -1.13
C PRO A 242 22.43 -8.24 -0.08
N ASP A 243 21.57 -7.65 0.75
CA ASP A 243 22.02 -6.61 1.71
C ASP A 243 22.03 -7.18 3.12
N TYR A 244 21.85 -8.49 3.28
CA TYR A 244 21.97 -9.11 4.61
C TYR A 244 23.44 -9.00 5.07
N LYS A 245 23.62 -8.70 6.35
N LYS A 245 23.67 -8.58 6.30
CA LYS A 245 24.96 -8.54 6.97
CA LYS A 245 25.03 -8.68 6.87
C LYS A 245 25.02 -9.45 8.19
C LYS A 245 24.97 -9.52 8.12
N PRO A 246 25.95 -10.42 8.27
CA PRO A 246 26.09 -11.22 9.47
C PRO A 246 26.29 -10.40 10.76
N SER A 247 26.72 -9.16 10.62
CA SER A 247 26.95 -8.22 11.73
C SER A 247 25.66 -7.54 12.21
N PHE A 248 24.51 -7.81 11.62
CA PHE A 248 23.28 -7.21 12.17
C PHE A 248 23.16 -7.59 13.64
N PRO A 249 22.74 -6.66 14.49
CA PRO A 249 22.45 -7.03 15.87
C PRO A 249 21.34 -8.07 15.92
N LYS A 250 21.39 -8.90 16.94
CA LYS A 250 20.41 -10.00 17.18
C LYS A 250 19.48 -9.57 18.29
N TRP A 251 18.33 -9.02 17.92
CA TRP A 251 17.24 -8.67 18.84
C TRP A 251 16.33 -9.87 19.02
N ALA A 252 15.87 -10.07 20.23
CA ALA A 252 14.77 -11.01 20.54
C ALA A 252 13.45 -10.44 19.99
N ARG A 253 12.46 -11.30 19.77
CA ARG A 253 11.15 -10.84 19.23
C ARG A 253 10.14 -10.56 20.36
N GLN A 254 9.36 -9.48 20.20
CA GLN A 254 8.34 -9.07 21.18
C GLN A 254 6.99 -9.70 20.80
N ASP A 255 6.04 -9.66 21.73
CA ASP A 255 4.66 -10.20 21.60
C ASP A 255 3.80 -9.18 20.87
N PHE A 256 2.93 -9.63 19.99
CA PHE A 256 1.97 -8.70 19.33
C PHE A 256 1.01 -8.08 20.35
N SER A 257 0.81 -8.76 21.48
CA SER A 257 -0.03 -8.25 22.58
C SER A 257 0.54 -6.92 23.08
N LYS A 258 1.86 -6.69 23.05
CA LYS A 258 2.44 -5.38 23.46
C LYS A 258 2.41 -4.35 22.32
N VAL A 259 2.43 -4.85 21.09
CA VAL A 259 2.61 -4.04 19.88
C VAL A 259 1.29 -3.41 19.43
N VAL A 260 0.21 -4.17 19.37
CA VAL A 260 -1.06 -3.58 18.88
C VAL A 260 -2.20 -3.70 19.89
N PRO A 261 -2.00 -3.41 21.19
CA PRO A 261 -3.15 -3.40 22.09
C PRO A 261 -4.05 -2.23 21.66
N PRO A 262 -5.40 -2.30 21.81
CA PRO A 262 -6.12 -3.42 22.45
C PRO A 262 -6.72 -4.41 21.45
N LEU A 263 -6.04 -4.63 20.34
CA LEU A 263 -6.55 -5.56 19.31
C LEU A 263 -6.74 -6.95 19.92
N ASP A 264 -7.88 -7.58 19.64
CA ASP A 264 -8.21 -8.90 20.19
C ASP A 264 -7.36 -10.01 19.57
N GLU A 265 -7.49 -11.20 20.13
CA GLU A 265 -6.60 -12.30 19.69
CA GLU A 265 -6.68 -12.37 19.73
C GLU A 265 -6.88 -12.66 18.24
N ASP A 266 -8.11 -12.52 17.76
CA ASP A 266 -8.34 -12.78 16.32
C ASP A 266 -7.55 -11.79 15.47
N GLY A 267 -7.61 -10.51 15.80
CA GLY A 267 -6.87 -9.51 15.02
C GLY A 267 -5.38 -9.71 15.14
N ARG A 268 -4.88 -10.05 16.32
CA ARG A 268 -3.43 -10.23 16.50
C ARG A 268 -2.96 -11.46 15.71
N SER A 269 -3.75 -12.52 15.70
CA SER A 269 -3.42 -13.75 14.93
C SER A 269 -3.30 -13.37 13.45
N LEU A 270 -4.31 -12.71 12.91
CA LEU A 270 -4.26 -12.31 11.49
C LEU A 270 -3.04 -11.43 11.24
N LEU A 271 -2.83 -10.41 12.06
CA LEU A 271 -1.68 -9.51 11.83
C LEU A 271 -0.39 -10.31 11.84
N SER A 272 -0.25 -11.24 12.77
CA SER A 272 0.99 -12.02 12.83
C SER A 272 1.21 -12.80 11.53
N GLN A 273 0.15 -13.30 10.93
CA GLN A 273 0.27 -14.05 9.66
C GLN A 273 0.61 -13.12 8.50
N MET A 274 0.21 -11.86 8.57
CA MET A 274 0.55 -10.86 7.54
C MET A 274 1.99 -10.39 7.66
N LEU A 275 2.59 -10.54 8.84
CA LEU A 275 3.92 -10.00 9.13
C LEU A 275 4.96 -11.11 9.34
N HIS A 276 4.71 -12.32 8.87
CA HIS A 276 5.78 -13.32 8.87
C HIS A 276 6.95 -12.78 8.07
N TYR A 277 8.16 -13.10 8.52
CA TYR A 277 9.37 -12.67 7.80
C TYR A 277 9.42 -13.29 6.41
N ASP A 278 9.30 -14.61 6.33
CA ASP A 278 9.47 -15.30 5.04
C ASP A 278 8.28 -14.96 4.18
N PRO A 279 8.44 -14.29 3.02
CA PRO A 279 7.28 -13.94 2.20
C PRO A 279 6.45 -15.17 1.90
N ASN A 280 7.06 -16.33 1.73
CA ASN A 280 6.34 -17.55 1.37
C ASN A 280 5.40 -18.00 2.48
N LYS A 281 5.65 -17.61 3.72
N LYS A 281 5.67 -17.59 3.71
CA LYS A 281 4.81 -18.02 4.86
CA LYS A 281 4.87 -17.99 4.90
C LYS A 281 3.67 -17.04 5.09
C LYS A 281 3.77 -16.97 5.21
N ARG A 282 3.83 -15.81 4.57
CA ARG A 282 2.81 -14.74 4.76
C ARG A 282 1.46 -15.18 4.20
N ILE A 283 0.38 -14.95 4.96
CA ILE A 283 -0.98 -15.30 4.51
C ILE A 283 -1.25 -14.61 3.19
N SER A 284 -1.99 -15.27 2.32
CA SER A 284 -2.47 -14.65 1.07
C SER A 284 -3.67 -13.76 1.36
N ALA A 285 -3.97 -12.86 0.43
CA ALA A 285 -5.19 -12.04 0.58
C ALA A 285 -6.43 -12.92 0.65
N LYS A 286 -6.50 -13.92 -0.24
CA LYS A 286 -7.69 -14.78 -0.26
C LYS A 286 -7.83 -15.54 1.05
N ALA A 287 -6.76 -16.09 1.58
CA ALA A 287 -6.85 -16.83 2.85
C ALA A 287 -7.19 -15.88 3.99
N ALA A 288 -6.66 -14.67 3.97
CA ALA A 288 -6.94 -13.71 5.04
C ALA A 288 -8.42 -13.39 5.09
N LEU A 289 -9.10 -13.34 3.96
CA LEU A 289 -10.55 -13.02 3.95
C LEU A 289 -11.34 -14.07 4.72
N ALA A 290 -10.84 -15.30 4.83
CA ALA A 290 -11.50 -16.41 5.56
C ALA A 290 -11.11 -16.42 7.03
N HIS A 291 -10.26 -15.52 7.51
CA HIS A 291 -9.76 -15.59 8.89
C HIS A 291 -10.93 -15.32 9.82
N PRO A 292 -10.95 -15.96 11.02
CA PRO A 292 -11.99 -15.70 11.99
C PRO A 292 -12.19 -14.24 12.38
N PHE A 293 -11.18 -13.40 12.23
CA PHE A 293 -11.33 -11.96 12.53
C PHE A 293 -12.50 -11.35 11.75
N PHE A 294 -12.79 -11.87 10.56
CA PHE A 294 -13.84 -11.29 9.70
C PHE A 294 -15.21 -11.93 9.88
N GLN A 295 -15.38 -12.80 10.87
CA GLN A 295 -16.68 -13.50 10.98
C GLN A 295 -17.80 -12.48 11.18
N ASP A 296 -17.53 -11.40 11.91
CA ASP A 296 -18.57 -10.40 12.22
C ASP A 296 -18.37 -9.11 11.41
N VAL A 297 -17.74 -9.18 10.25
CA VAL A 297 -17.49 -7.94 9.50
C VAL A 297 -18.80 -7.33 9.00
N THR A 298 -18.80 -6.00 9.00
CA THR A 298 -19.92 -5.16 8.54
C THR A 298 -19.32 -4.04 7.69
N LYS A 299 -20.19 -3.17 7.18
CA LYS A 299 -19.76 -2.01 6.38
C LYS A 299 -20.33 -0.74 6.98
N PRO A 300 -19.70 -0.19 8.04
CA PRO A 300 -20.18 1.04 8.64
C PRO A 300 -19.94 2.27 7.76
N VAL A 301 -20.66 3.34 8.09
CA VAL A 301 -20.53 4.71 7.51
C VAL A 301 -19.44 5.48 8.25
N PRO A 302 -18.39 6.01 7.60
CA PRO A 302 -17.35 6.79 8.29
C PRO A 302 -17.87 8.21 8.50
N HIS A 303 -17.29 8.89 9.48
CA HIS A 303 -17.52 10.34 9.64
C HIS A 303 -16.42 11.08 8.88
N LEU A 304 -16.75 11.54 7.67
CA LEU A 304 -15.77 12.22 6.80
C LEU A 304 -16.03 13.71 6.82
N ARG A 305 -14.99 14.48 7.11
CA ARG A 305 -15.07 15.96 7.04
C ARG A 305 -14.30 16.33 5.80
N LEU A 306 -15.05 16.77 4.80
CA LEU A 306 -14.47 17.21 3.52
C LEU A 306 -14.43 18.73 3.47
S DMS B . -3.81 17.72 -20.83
O DMS B . -5.12 17.97 -21.56
C1 DMS B . -3.98 16.27 -19.82
C2 DMS B . -2.63 17.15 -22.02
S DMS C . -28.68 0.78 3.62
O DMS C . -27.70 1.84 3.31
C1 DMS C . -28.09 -0.66 2.86
C2 DMS C . -28.27 0.08 5.20
C4 HHB D . -1.25 10.98 -4.12
C5 HHB D . -2.33 11.78 -4.39
C6 HHB D . -3.44 11.27 -5.02
C11 HHB D . -7.64 10.95 -5.30
C7 HHB D . -3.47 9.93 -5.38
C8 HHB D . -5.88 9.69 -6.05
C9 HHB D . -6.76 8.90 -6.79
C10 HHB D . -8.08 9.24 -6.72
C12 HHB D . -2.36 9.13 -5.13
N1 HHB D . -4.55 9.35 -6.06
N2 HHB D . -8.56 10.26 -5.98
C3 HHB D . -1.23 9.65 -4.52
N3 HHB D . -6.33 10.72 -5.31
O1 HHB D . 0.93 9.38 -6.33
C1 HHB D . 1.10 8.83 -5.22
O2 HHB D . 2.17 8.26 -4.89
C2 HHB D . -0.05 8.76 -4.23
#